data_8DKY
#
_entry.id   8DKY
#
_cell.length_a   56.561
_cell.length_b   58.169
_cell.length_c   95.316
_cell.angle_alpha   90.000
_cell.angle_beta   90.000
_cell.angle_gamma   90.000
#
_symmetry.space_group_name_H-M   'P 21 21 21'
#
loop_
_entity.id
_entity.type
_entity.pdbx_description
1 polymer 'ABC transporter'
2 non-polymer 3-O-methyl-alpha-D-mannopyranose
3 water water
#
_entity_poly.entity_id   1
_entity_poly.type   'polypeptide(L)'
_entity_poly.pdbx_seq_one_letter_code
;GSNFKAVIKEVRLKSEHGYTNNFPSGDTLFIELDVEAKEDLQDVVAGILIRDRFGQDIFGINTYLMEKKVELKKGKYLFT
FKMPLNLAPGKYTLTVALHKGMDHAQECYHWIDNVCNFEVNGFKKEQFVGVCYLPTEFNYRKIP
;
_entity_poly.pdbx_strand_id   A,B
#
# COMPACT_ATOMS: atom_id res chain seq x y z
N GLY A 1 -27.63 11.60 -11.10
CA GLY A 1 -26.18 11.63 -11.00
C GLY A 1 -25.51 12.03 -12.30
N SER A 2 -25.08 11.02 -13.06
CA SER A 2 -24.43 11.27 -14.35
C SER A 2 -25.35 12.04 -15.28
N ASN A 3 -24.77 12.96 -16.05
CA ASN A 3 -25.49 13.63 -17.12
C ASN A 3 -25.03 13.22 -18.51
N PHE A 4 -23.93 12.46 -18.61
CA PHE A 4 -23.48 11.83 -19.85
C PHE A 4 -23.03 12.85 -20.90
N LYS A 5 -22.59 14.04 -20.48
CA LYS A 5 -21.90 14.91 -21.43
C LYS A 5 -20.57 14.33 -21.86
N ALA A 6 -19.95 13.54 -20.98
CA ALA A 6 -18.88 12.62 -21.33
C ALA A 6 -19.27 11.24 -20.81
N VAL A 7 -18.88 10.21 -21.54
CA VAL A 7 -19.31 8.84 -21.25
C VAL A 7 -18.11 7.92 -21.25
N ILE A 8 -17.96 7.13 -20.19
CA ILE A 8 -17.03 6.01 -20.19
C ILE A 8 -17.71 4.86 -20.94
N LYS A 9 -17.21 4.56 -22.14
CA LYS A 9 -17.84 3.50 -22.93
C LYS A 9 -17.34 2.11 -22.54
N GLU A 10 -16.10 1.99 -22.06
CA GLU A 10 -15.56 0.69 -21.70
C GLU A 10 -14.37 0.88 -20.76
N VAL A 11 -14.17 -0.08 -19.87
CA VAL A 11 -13.02 -0.11 -18.97
C VAL A 11 -12.38 -1.49 -19.08
N ARG A 12 -11.06 -1.51 -19.27
CA ARG A 12 -10.30 -2.75 -19.42
C ARG A 12 -9.11 -2.76 -18.47
N LEU A 13 -8.80 -3.93 -17.91
CA LEU A 13 -7.66 -4.07 -17.02
C LEU A 13 -6.53 -4.83 -17.71
N LYS A 14 -5.30 -4.47 -17.35
CA LYS A 14 -4.12 -4.82 -18.13
C LYS A 14 -2.95 -5.10 -17.22
N SER A 15 -2.15 -6.11 -17.58
CA SER A 15 -0.80 -6.27 -17.05
C SER A 15 0.18 -5.87 -18.14
N GLU A 16 1.47 -5.91 -17.80
CA GLU A 16 2.50 -5.62 -18.80
C GLU A 16 2.60 -6.69 -19.88
N HIS A 17 1.85 -7.79 -19.74
CA HIS A 17 1.87 -8.87 -20.73
C HIS A 17 0.60 -8.97 -21.56
N GLY A 18 -0.50 -8.42 -21.08
CA GLY A 18 -1.75 -8.48 -21.84
C GLY A 18 -2.94 -8.15 -20.97
N TYR A 19 -4.11 -8.25 -21.58
CA TYR A 19 -5.37 -8.01 -20.88
C TYR A 19 -5.70 -9.17 -19.96
N THR A 20 -6.04 -8.83 -18.71
CA THR A 20 -6.29 -9.84 -17.68
C THR A 20 -7.03 -9.20 -16.52
N ASN A 21 -7.78 -10.03 -15.79
CA ASN A 21 -8.40 -9.62 -14.54
C ASN A 21 -7.79 -10.35 -13.34
N ASN A 22 -6.59 -10.91 -13.52
CA ASN A 22 -5.95 -11.71 -12.48
C ASN A 22 -4.50 -11.27 -12.37
N PHE A 23 -4.07 -10.90 -11.17
CA PHE A 23 -2.76 -10.34 -10.96
C PHE A 23 -2.12 -10.97 -9.73
N PRO A 24 -0.83 -11.27 -9.78
CA PRO A 24 -0.10 -11.54 -8.55
C PRO A 24 0.15 -10.23 -7.81
N SER A 25 0.12 -10.31 -6.49
CA SER A 25 0.31 -9.11 -5.67
C SER A 25 1.61 -8.43 -6.05
N GLY A 26 1.54 -7.12 -6.26
CA GLY A 26 2.70 -6.34 -6.64
C GLY A 26 2.86 -6.12 -8.14
N ASP A 27 2.08 -6.83 -8.95
CA ASP A 27 2.11 -6.63 -10.39
C ASP A 27 1.62 -5.23 -10.74
N THR A 28 2.10 -4.74 -11.89
CA THR A 28 1.66 -3.45 -12.39
C THR A 28 0.30 -3.58 -13.06
N LEU A 29 -0.65 -2.76 -12.63
CA LEU A 29 -1.98 -2.71 -13.20
C LEU A 29 -2.12 -1.48 -14.08
N PHE A 30 -2.61 -1.68 -15.30
CA PHE A 30 -3.05 -0.61 -16.18
C PHE A 30 -4.57 -0.66 -16.25
N ILE A 31 -5.19 0.52 -16.14
CA ILE A 31 -6.62 0.68 -16.26
C ILE A 31 -6.86 1.55 -17.49
N GLU A 32 -7.49 0.98 -18.52
CA GLU A 32 -7.88 1.72 -19.70
C GLU A 32 -9.35 2.11 -19.61
N LEU A 33 -9.65 3.34 -20.00
CA LEU A 33 -11.02 3.84 -20.08
C LEU A 33 -11.22 4.47 -21.46
N ASP A 34 -12.15 3.92 -22.23
CA ASP A 34 -12.59 4.55 -23.47
C ASP A 34 -13.58 5.66 -23.12
N VAL A 35 -13.26 6.90 -23.50
CA VAL A 35 -14.05 8.06 -23.11
C VAL A 35 -14.55 8.76 -24.36
N GLU A 36 -15.83 9.11 -24.34
CA GLU A 36 -16.46 9.87 -25.42
C GLU A 36 -16.96 11.19 -24.86
N ALA A 37 -16.46 12.31 -25.40
CA ALA A 37 -16.99 13.62 -25.09
C ALA A 37 -17.96 14.02 -26.19
N LYS A 38 -19.23 14.22 -25.82
CA LYS A 38 -20.28 14.62 -26.75
C LYS A 38 -20.27 16.11 -27.02
N GLU A 39 -19.50 16.87 -26.26
CA GLU A 39 -19.35 18.31 -26.42
C GLU A 39 -18.03 18.71 -25.78
N ASP A 40 -17.62 19.94 -26.02
CA ASP A 40 -16.39 20.43 -25.43
C ASP A 40 -16.55 20.56 -23.92
N LEU A 41 -15.55 20.09 -23.18
CA LEU A 41 -15.56 20.12 -21.72
C LEU A 41 -14.16 20.49 -21.24
N GLN A 42 -14.19 21.34 -20.20
CA GLN A 42 -12.96 21.83 -19.56
C GLN A 42 -12.94 21.35 -18.10
N ASP A 43 -11.76 21.33 -17.52
CA ASP A 43 -11.66 21.07 -16.08
C ASP A 43 -12.24 19.71 -15.72
N VAL A 44 -12.04 18.74 -16.59
CA VAL A 44 -12.49 17.36 -16.42
C VAL A 44 -11.58 16.63 -15.44
N VAL A 45 -12.20 15.83 -14.57
CA VAL A 45 -11.50 14.99 -13.60
C VAL A 45 -11.92 13.55 -13.84
N ALA A 46 -10.95 12.64 -13.78
CA ALA A 46 -11.17 11.21 -13.91
C ALA A 46 -10.70 10.53 -12.64
N GLY A 47 -11.54 9.65 -12.09
CA GLY A 47 -11.27 9.03 -10.81
C GLY A 47 -11.48 7.52 -10.84
N ILE A 48 -10.66 6.84 -10.03
CA ILE A 48 -10.73 5.40 -9.85
C ILE A 48 -10.82 5.09 -8.36
N LEU A 49 -11.45 3.95 -8.05
CA LEU A 49 -11.70 3.56 -6.67
C LEU A 49 -11.72 2.04 -6.58
N ILE A 50 -10.73 1.47 -5.92
CA ILE A 50 -10.65 0.04 -5.67
C ILE A 50 -11.25 -0.25 -4.30
N ARG A 51 -12.21 -1.18 -4.29
CA ARG A 51 -12.87 -1.65 -3.07
C ARG A 51 -12.69 -3.16 -2.93
N ASP A 52 -12.76 -3.65 -1.69
CA ASP A 52 -12.63 -5.07 -1.44
C ASP A 52 -14.01 -5.74 -1.52
N ARG A 53 -14.05 -7.05 -1.26
CA ARG A 53 -15.29 -7.80 -1.40
C ARG A 53 -16.33 -7.44 -0.35
N PHE A 54 -16.03 -6.55 0.60
CA PHE A 54 -16.98 -6.13 1.61
C PHE A 54 -17.36 -4.66 1.48
N GLY A 55 -17.13 -4.06 0.31
CA GLY A 55 -17.48 -2.68 0.09
C GLY A 55 -16.56 -1.66 0.73
N GLN A 56 -15.43 -2.09 1.28
CA GLN A 56 -14.49 -1.21 1.94
C GLN A 56 -13.65 -0.46 0.90
N ASP A 57 -13.43 0.83 1.15
CA ASP A 57 -12.51 1.60 0.32
C ASP A 57 -11.08 1.12 0.55
N ILE A 58 -10.46 0.60 -0.50
CA ILE A 58 -9.07 0.16 -0.42
C ILE A 58 -8.11 1.22 -0.97
N PHE A 59 -8.42 1.77 -2.15
CA PHE A 59 -7.60 2.87 -2.66
C PHE A 59 -8.34 3.62 -3.75
N GLY A 60 -8.49 4.92 -3.58
CA GLY A 60 -9.12 5.74 -4.61
C GLY A 60 -8.35 7.03 -4.80
N ILE A 61 -8.34 7.50 -6.05
CA ILE A 61 -7.62 8.73 -6.40
C ILE A 61 -8.23 9.26 -7.69
N ASN A 62 -8.00 10.54 -7.97
CA ASN A 62 -8.47 11.12 -9.23
C ASN A 62 -7.43 12.11 -9.74
N THR A 63 -7.66 12.58 -10.98
CA THR A 63 -6.66 13.39 -11.68
C THR A 63 -6.55 14.80 -11.10
N TYR A 64 -7.55 15.26 -10.36
CA TYR A 64 -7.40 16.52 -9.63
C TYR A 64 -6.41 16.37 -8.49
N LEU A 65 -6.50 15.27 -7.75
CA LEU A 65 -5.56 15.02 -6.66
C LEU A 65 -4.15 14.76 -7.16
N MET A 66 -4.03 14.25 -8.39
CA MET A 66 -2.74 14.01 -9.02
C MET A 66 -2.22 15.26 -9.73
N GLU A 67 -2.95 16.36 -9.64
CA GLU A 67 -2.64 17.61 -10.32
C GLU A 67 -2.37 17.37 -11.80
N LYS A 68 -3.26 16.61 -12.45
CA LYS A 68 -3.11 16.30 -13.90
C LYS A 68 -4.29 16.91 -14.65
N LYS A 69 -4.09 18.02 -15.35
CA LYS A 69 -5.24 18.71 -15.99
C LYS A 69 -5.76 17.93 -17.20
N VAL A 70 -7.07 17.97 -17.42
CA VAL A 70 -7.71 17.21 -18.50
C VAL A 70 -8.73 18.12 -19.18
N GLU A 71 -8.60 18.28 -20.50
CA GLU A 71 -9.56 19.04 -21.31
C GLU A 71 -10.00 18.15 -22.45
N LEU A 72 -11.30 18.12 -22.71
CA LEU A 72 -11.89 17.22 -23.69
C LEU A 72 -12.55 18.03 -24.78
N LYS A 73 -12.07 17.85 -25.99
CA LYS A 73 -12.82 18.34 -27.13
C LYS A 73 -13.82 17.25 -27.54
N LYS A 74 -14.89 17.66 -28.23
CA LYS A 74 -15.81 16.67 -28.77
C LYS A 74 -15.03 15.59 -29.52
N GLY A 75 -15.21 14.34 -29.11
CA GLY A 75 -14.53 13.25 -29.78
C GLY A 75 -14.29 12.07 -28.85
N LYS A 76 -13.29 11.27 -29.21
CA LYS A 76 -12.99 10.01 -28.55
C LYS A 76 -11.59 10.05 -27.93
N TYR A 77 -11.43 9.40 -26.78
CA TYR A 77 -10.19 9.45 -26.01
C TYR A 77 -9.92 8.11 -25.36
N LEU A 78 -8.64 7.86 -25.08
CA LEU A 78 -8.20 6.73 -24.27
C LEU A 78 -7.49 7.28 -23.03
N PHE A 79 -8.08 7.03 -21.87
CA PHE A 79 -7.51 7.33 -20.56
C PHE A 79 -6.79 6.10 -20.03
N THR A 80 -5.60 6.29 -19.46
CA THR A 80 -4.86 5.17 -18.87
C THR A 80 -4.30 5.55 -17.51
N PHE A 81 -4.58 4.70 -16.52
CA PHE A 81 -3.97 4.75 -15.20
C PHE A 81 -2.99 3.60 -15.04
N LYS A 82 -1.95 3.81 -14.25
CA LYS A 82 -0.94 2.79 -13.99
C LYS A 82 -0.53 2.82 -12.53
N MET A 83 -0.42 1.63 -11.91
CA MET A 83 -0.14 1.58 -10.48
C MET A 83 0.34 0.19 -10.09
N PRO A 84 1.25 0.09 -9.13
CA PRO A 84 1.59 -1.24 -8.58
C PRO A 84 0.46 -1.72 -7.69
N LEU A 85 0.03 -2.96 -7.92
CA LEU A 85 -1.15 -3.48 -7.23
C LEU A 85 -0.69 -4.16 -5.94
N ASN A 86 -0.24 -3.31 -5.02
CA ASN A 86 0.38 -3.72 -3.75
C ASN A 86 -0.70 -4.03 -2.71
N LEU A 87 -1.51 -5.04 -3.03
CA LEU A 87 -2.68 -5.37 -2.24
C LEU A 87 -2.63 -6.84 -1.82
N ALA A 88 -3.41 -7.16 -0.79
CA ALA A 88 -3.52 -8.53 -0.34
C ALA A 88 -4.23 -9.38 -1.39
N PRO A 89 -3.91 -10.66 -1.47
CA PRO A 89 -4.70 -11.55 -2.34
C PRO A 89 -6.15 -11.57 -1.90
N GLY A 90 -7.04 -11.60 -2.88
CA GLY A 90 -8.46 -11.56 -2.63
C GLY A 90 -9.20 -11.02 -3.84
N LYS A 91 -10.49 -10.76 -3.63
CA LYS A 91 -11.38 -10.28 -4.68
C LYS A 91 -11.67 -8.80 -4.48
N TYR A 92 -11.62 -8.03 -5.57
CA TYR A 92 -11.77 -6.58 -5.53
C TYR A 92 -12.66 -6.12 -6.67
N THR A 93 -13.17 -4.90 -6.52
CA THR A 93 -13.96 -4.22 -7.54
C THR A 93 -13.35 -2.86 -7.85
N LEU A 94 -13.56 -2.42 -9.09
CA LEU A 94 -13.13 -1.10 -9.56
C LEU A 94 -14.34 -0.25 -9.90
N THR A 95 -14.37 0.97 -9.36
CA THR A 95 -15.40 1.96 -9.63
C THR A 95 -14.72 3.13 -10.31
N VAL A 96 -15.37 3.71 -11.33
CA VAL A 96 -14.74 4.76 -12.13
C VAL A 96 -15.69 5.95 -12.28
N ALA A 97 -15.10 7.11 -12.59
CA ALA A 97 -15.95 8.29 -12.74
C ALA A 97 -15.27 9.38 -13.54
N LEU A 98 -16.09 10.12 -14.27
CA LEU A 98 -15.74 11.41 -14.88
C LEU A 98 -16.64 12.48 -14.27
N HIS A 99 -16.02 13.54 -13.76
CA HIS A 99 -16.78 14.61 -13.12
C HIS A 99 -16.00 15.91 -13.20
N LYS A 100 -16.54 16.94 -12.56
CA LYS A 100 -15.88 18.24 -12.44
C LYS A 100 -15.68 18.55 -10.98
N GLY A 101 -14.52 19.08 -10.65
CA GLY A 101 -14.19 19.36 -9.28
C GLY A 101 -13.58 18.15 -8.60
N MET A 102 -12.79 18.45 -7.56
CA MET A 102 -12.07 17.43 -6.83
C MET A 102 -13.01 16.42 -6.22
N ASP A 103 -14.19 16.84 -5.77
CA ASP A 103 -14.88 15.83 -4.99
C ASP A 103 -16.29 15.60 -5.56
N HIS A 104 -16.42 15.86 -6.87
CA HIS A 104 -17.62 15.84 -7.75
C HIS A 104 -18.82 16.59 -7.18
N ALA A 105 -18.59 17.68 -6.44
CA ALA A 105 -19.72 18.52 -6.06
C ALA A 105 -20.17 19.43 -7.21
N GLN A 106 -19.27 19.70 -8.17
CA GLN A 106 -19.53 20.71 -9.20
C GLN A 106 -20.39 20.16 -10.33
N GLU A 107 -20.00 19.02 -10.92
CA GLU A 107 -20.74 18.39 -12.00
C GLU A 107 -20.37 16.92 -12.06
N CYS A 108 -21.34 16.08 -12.40
CA CYS A 108 -21.11 14.64 -12.55
C CYS A 108 -21.40 14.27 -14.00
N TYR A 109 -20.36 13.81 -14.72
CA TYR A 109 -20.55 13.36 -16.09
C TYR A 109 -20.97 11.90 -16.14
N HIS A 110 -20.20 11.01 -15.50
CA HIS A 110 -20.51 9.58 -15.58
C HIS A 110 -19.87 8.86 -14.40
N TRP A 111 -20.68 8.17 -13.60
CA TRP A 111 -20.20 7.38 -12.47
C TRP A 111 -20.60 5.92 -12.69
N ILE A 112 -19.63 5.01 -12.62
CA ILE A 112 -19.90 3.58 -12.78
C ILE A 112 -19.40 2.85 -11.54
N ASP A 113 -20.34 2.41 -10.71
CA ASP A 113 -20.04 1.57 -9.56
C ASP A 113 -19.66 0.17 -10.02
N ASN A 114 -18.51 -0.31 -9.54
CA ASN A 114 -18.05 -1.68 -9.79
C ASN A 114 -18.09 -2.01 -11.29
N VAL A 115 -17.31 -1.24 -12.06
CA VAL A 115 -17.27 -1.46 -13.49
C VAL A 115 -16.55 -2.76 -13.84
N CYS A 116 -15.58 -3.15 -13.02
CA CYS A 116 -14.84 -4.38 -13.23
C CYS A 116 -14.69 -5.12 -11.91
N ASN A 117 -14.67 -6.44 -12.01
CA ASN A 117 -14.25 -7.31 -10.91
C ASN A 117 -12.87 -7.84 -11.25
N PHE A 118 -11.99 -7.88 -10.25
CA PHE A 118 -10.67 -8.46 -10.46
C PHE A 118 -10.22 -9.12 -9.17
N GLU A 119 -9.08 -9.80 -9.23
CA GLU A 119 -8.60 -10.46 -8.04
C GLU A 119 -7.09 -10.53 -8.06
N VAL A 120 -6.52 -10.52 -6.85
CA VAL A 120 -5.10 -10.69 -6.64
C VAL A 120 -4.88 -12.11 -6.13
N ASN A 121 -4.03 -12.87 -6.83
CA ASN A 121 -3.79 -14.27 -6.50
C ASN A 121 -2.29 -14.50 -6.46
N GLY A 122 -1.79 -14.91 -5.30
CA GLY A 122 -0.37 -15.15 -5.15
C GLY A 122 0.42 -13.87 -5.02
N PHE A 123 1.73 -14.04 -4.99
CA PHE A 123 2.66 -13.00 -4.64
C PHE A 123 3.74 -12.87 -5.70
N LYS A 124 3.82 -11.72 -6.38
CA LYS A 124 4.92 -11.55 -7.32
C LYS A 124 6.26 -11.38 -6.62
N LYS A 125 6.23 -11.05 -5.33
CA LYS A 125 7.43 -10.71 -4.60
C LYS A 125 7.45 -11.51 -3.31
N GLU A 126 7.76 -10.84 -2.22
CA GLU A 126 7.64 -11.44 -0.90
C GLU A 126 6.17 -11.70 -0.58
N GLN A 127 5.96 -12.74 0.20
CA GLN A 127 4.70 -12.99 0.88
C GLN A 127 4.60 -12.04 2.07
N PHE A 128 3.37 -11.66 2.40
CA PHE A 128 3.14 -10.72 3.49
C PHE A 128 1.75 -10.95 4.06
N VAL A 129 1.49 -10.32 5.20
CA VAL A 129 0.17 -10.33 5.81
C VAL A 129 -0.30 -8.89 5.90
N GLY A 130 -1.62 -8.73 6.03
CA GLY A 130 -2.24 -7.42 6.06
C GLY A 130 -2.91 -7.08 4.75
N VAL A 131 -3.58 -5.92 4.75
CA VAL A 131 -4.38 -5.51 3.61
C VAL A 131 -3.53 -5.06 2.44
N CYS A 132 -2.32 -4.58 2.70
CA CYS A 132 -1.50 -3.98 1.66
C CYS A 132 -0.04 -4.36 1.86
N TYR A 133 0.76 -4.08 0.85
CA TYR A 133 2.19 -4.41 0.84
C TYR A 133 2.99 -3.12 0.85
N LEU A 134 3.90 -3.00 1.82
CA LEU A 134 4.86 -1.92 1.84
C LEU A 134 6.22 -2.48 1.47
N PRO A 135 6.84 -2.04 0.37
CA PRO A 135 8.18 -2.54 0.02
C PRO A 135 9.17 -2.25 1.13
N THR A 136 9.77 -3.31 1.66
CA THR A 136 10.55 -3.24 2.89
C THR A 136 11.99 -3.70 2.65
N GLU A 137 12.89 -3.04 3.39
CA GLU A 137 14.32 -3.37 3.37
C GLU A 137 14.73 -3.74 4.79
N PHE A 138 15.61 -4.72 4.92
CA PHE A 138 16.08 -5.15 6.22
C PHE A 138 17.61 -5.22 6.24
N ASN A 139 18.20 -4.97 7.40
CA ASN A 139 19.62 -5.16 7.62
C ASN A 139 19.87 -5.25 9.13
N TYR A 140 20.95 -5.94 9.49
CA TYR A 140 21.37 -5.98 10.89
C TYR A 140 22.88 -5.90 10.95
N ARG A 141 23.37 -5.47 12.11
CA ARG A 141 24.79 -5.18 12.37
C ARG A 141 25.08 -5.26 13.86
N LYS A 142 26.22 -5.86 14.17
CA LYS A 142 26.74 -5.86 15.53
C LYS A 142 27.09 -4.45 15.95
N ILE A 143 26.90 -4.15 17.24
CA ILE A 143 27.31 -2.87 17.82
C ILE A 143 28.06 -3.14 19.12
N PRO A 144 29.18 -2.46 19.40
CA PRO A 144 29.86 -2.61 20.68
C PRO A 144 29.02 -2.15 21.87
N GLY B 1 5.64 -18.20 26.06
CA GLY B 1 6.09 -17.54 24.85
C GLY B 1 7.56 -17.17 24.86
N SER B 2 7.83 -15.90 25.16
CA SER B 2 9.20 -15.38 25.14
C SER B 2 10.08 -16.14 26.12
N ASN B 3 11.23 -16.62 25.64
CA ASN B 3 12.24 -17.20 26.51
C ASN B 3 13.47 -16.31 26.69
N PHE B 4 13.57 -15.21 25.94
CA PHE B 4 14.55 -14.15 26.14
C PHE B 4 15.98 -14.59 25.92
N LYS B 5 16.22 -15.66 25.15
CA LYS B 5 17.58 -15.94 24.70
C LYS B 5 18.10 -14.84 23.79
N ALA B 6 17.21 -14.12 23.13
CA ALA B 6 17.47 -12.83 22.51
C ALA B 6 16.37 -11.87 22.96
N VAL B 7 16.72 -10.61 23.17
CA VAL B 7 15.78 -9.63 23.71
C VAL B 7 15.80 -8.38 22.83
N ILE B 8 14.62 -7.84 22.57
CA ILE B 8 14.48 -6.52 21.98
C ILE B 8 14.53 -5.50 23.12
N LYS B 9 15.62 -4.75 23.19
CA LYS B 9 15.81 -3.84 24.32
C LYS B 9 15.09 -2.51 24.12
N GLU B 10 14.90 -2.08 22.88
CA GLU B 10 14.29 -0.79 22.62
C GLU B 10 13.89 -0.72 21.16
N VAL B 11 12.75 -0.08 20.88
CA VAL B 11 12.27 0.13 19.53
C VAL B 11 12.10 1.63 19.32
N ARG B 12 12.65 2.15 18.23
CA ARG B 12 12.54 3.55 17.88
C ARG B 12 12.00 3.70 16.48
N LEU B 13 11.04 4.62 16.32
CA LEU B 13 10.53 4.98 15.01
C LEU B 13 11.23 6.25 14.52
N LYS B 14 11.56 6.29 13.24
CA LYS B 14 12.35 7.40 12.70
C LYS B 14 11.87 7.72 11.29
N SER B 15 11.90 9.01 10.95
CA SER B 15 11.75 9.44 9.58
C SER B 15 13.13 9.72 9.01
N GLU B 16 13.19 10.14 7.75
CA GLU B 16 14.50 10.49 7.22
C GLU B 16 15.03 11.80 7.81
N HIS B 17 14.20 12.54 8.56
CA HIS B 17 14.62 13.78 9.19
C HIS B 17 14.87 13.66 10.68
N GLY B 18 14.36 12.63 11.34
CA GLY B 18 14.62 12.44 12.74
C GLY B 18 13.59 11.52 13.38
N TYR B 19 13.76 11.33 14.69
CA TYR B 19 12.91 10.42 15.45
C TYR B 19 11.57 11.07 15.76
N THR B 20 10.50 10.30 15.56
CA THR B 20 9.14 10.79 15.65
C THR B 20 8.17 9.62 15.58
N ASN B 21 6.96 9.84 16.08
CA ASN B 21 5.86 8.90 15.95
C ASN B 21 4.75 9.43 15.05
N ASN B 22 5.02 10.51 14.32
CA ASN B 22 4.02 11.17 13.49
C ASN B 22 4.57 11.33 12.09
N PHE B 23 3.84 10.83 11.09
CA PHE B 23 4.33 10.77 9.73
C PHE B 23 3.24 11.20 8.76
N PRO B 24 3.57 11.99 7.74
CA PRO B 24 2.64 12.18 6.63
C PRO B 24 2.57 10.91 5.79
N SER B 25 1.41 10.68 5.17
CA SER B 25 1.25 9.51 4.34
C SER B 25 2.26 9.52 3.21
N GLY B 26 2.97 8.40 3.04
CA GLY B 26 4.00 8.28 2.03
C GLY B 26 5.41 8.49 2.55
N ASP B 27 5.57 9.04 3.74
CA ASP B 27 6.89 9.27 4.29
C ASP B 27 7.60 7.94 4.56
N THR B 28 8.93 8.00 4.59
CA THR B 28 9.74 6.82 4.82
C THR B 28 9.87 6.56 6.30
N LEU B 29 9.53 5.35 6.72
CA LEU B 29 9.60 4.94 8.12
C LEU B 29 10.75 3.97 8.31
N PHE B 30 11.63 4.29 9.24
CA PHE B 30 12.68 3.40 9.71
C PHE B 30 12.28 2.89 11.09
N ILE B 31 12.33 1.57 11.26
CA ILE B 31 12.10 0.92 12.54
C ILE B 31 13.45 0.40 13.02
N GLU B 32 13.95 0.98 14.12
CA GLU B 32 15.19 0.56 14.74
C GLU B 32 14.87 -0.30 15.96
N LEU B 33 15.55 -1.44 16.08
CA LEU B 33 15.39 -2.34 17.21
C LEU B 33 16.76 -2.64 17.79
N ASP B 34 16.96 -2.27 19.06
CA ASP B 34 18.17 -2.62 19.79
C ASP B 34 18.02 -4.04 20.32
N VAL B 35 18.86 -4.96 19.86
CA VAL B 35 18.74 -6.37 20.15
C VAL B 35 19.98 -6.84 20.90
N GLU B 36 19.81 -7.69 21.89
CA GLU B 36 20.94 -8.30 22.59
C GLU B 36 20.72 -9.80 22.64
N ALA B 37 21.69 -10.55 22.11
CA ALA B 37 21.68 -12.00 22.13
C ALA B 37 22.48 -12.48 23.34
N LYS B 38 21.80 -13.19 24.24
CA LYS B 38 22.42 -13.74 25.44
C LYS B 38 23.25 -14.98 25.15
N GLU B 39 23.06 -15.60 23.99
CA GLU B 39 23.83 -16.75 23.56
C GLU B 39 23.89 -16.73 22.04
N ASP B 40 24.74 -17.59 21.48
CA ASP B 40 24.74 -17.76 20.04
C ASP B 40 23.41 -18.35 19.59
N LEU B 41 22.90 -17.77 18.50
CA LEU B 41 21.61 -18.22 17.97
C LEU B 41 21.66 -18.33 16.45
N GLN B 42 21.04 -19.38 15.92
CA GLN B 42 21.02 -19.61 14.45
C GLN B 42 19.59 -19.44 13.96
N ASP B 43 19.41 -19.18 12.66
CA ASP B 43 18.03 -19.19 12.07
C ASP B 43 17.10 -18.24 12.82
N VAL B 44 17.60 -17.06 13.19
CA VAL B 44 16.77 -16.01 13.82
C VAL B 44 15.89 -15.28 12.80
N VAL B 45 14.67 -15.06 13.20
CA VAL B 45 13.69 -14.32 12.40
C VAL B 45 13.28 -13.09 13.19
N ALA B 46 13.21 -11.95 12.51
CA ALA B 46 12.67 -10.72 13.06
C ALA B 46 11.43 -10.32 12.27
N GLY B 47 10.39 -9.93 12.97
CA GLY B 47 9.12 -9.62 12.32
C GLY B 47 8.51 -8.35 12.86
N ILE B 48 7.81 -7.64 11.97
CA ILE B 48 7.04 -6.46 12.31
C ILE B 48 5.59 -6.69 11.89
N LEU B 49 4.69 -5.99 12.57
CA LEU B 49 3.26 -6.08 12.27
C LEU B 49 2.60 -4.75 12.58
N ILE B 50 2.03 -4.11 11.57
CA ILE B 50 1.29 -2.87 11.71
C ILE B 50 -0.19 -3.19 11.69
N ARG B 51 -0.90 -2.74 12.74
CA ARG B 51 -2.32 -2.97 12.92
C ARG B 51 -3.04 -1.65 13.15
N ASP B 52 -4.34 -1.66 12.88
CA ASP B 52 -5.19 -0.51 13.16
C ASP B 52 -5.88 -0.65 14.53
N ARG B 53 -6.59 0.42 14.90
CA ARG B 53 -7.32 0.49 16.16
C ARG B 53 -8.25 -0.70 16.43
N PHE B 54 -8.71 -1.41 15.40
CA PHE B 54 -9.57 -2.57 15.58
C PHE B 54 -8.83 -3.89 15.49
N GLY B 55 -7.50 -3.87 15.65
CA GLY B 55 -6.71 -5.08 15.65
C GLY B 55 -6.55 -5.73 14.29
N GLN B 56 -6.93 -5.05 13.22
CA GLN B 56 -6.84 -5.63 11.89
C GLN B 56 -5.42 -5.48 11.34
N ASP B 57 -4.92 -6.54 10.75
CA ASP B 57 -3.57 -6.52 10.18
C ASP B 57 -3.54 -5.54 9.00
N ILE B 58 -2.75 -4.49 9.13
CA ILE B 58 -2.53 -3.56 8.01
C ILE B 58 -1.36 -4.01 7.15
N PHE B 59 -0.20 -4.28 7.76
CA PHE B 59 0.91 -4.83 7.01
C PHE B 59 1.88 -5.53 7.96
N GLY B 60 2.15 -6.79 7.70
CA GLY B 60 3.09 -7.53 8.52
C GLY B 60 4.03 -8.35 7.65
N ILE B 61 5.26 -8.48 8.11
CA ILE B 61 6.28 -9.21 7.36
C ILE B 61 7.42 -9.54 8.30
N ASN B 62 8.18 -10.58 7.97
CA ASN B 62 9.37 -10.93 8.74
C ASN B 62 10.48 -11.36 7.80
N THR B 63 11.68 -11.52 8.38
CA THR B 63 12.87 -11.76 7.57
C THR B 63 12.91 -13.16 6.97
N TYR B 64 12.10 -14.09 7.48
CA TYR B 64 11.95 -15.39 6.80
C TYR B 64 11.24 -15.21 5.47
N LEU B 65 10.16 -14.44 5.45
CA LEU B 65 9.44 -14.18 4.21
C LEU B 65 10.25 -13.33 3.25
N MET B 66 11.11 -12.41 3.75
CA MET B 66 11.90 -11.46 2.89
C MET B 66 13.12 -12.21 2.37
N GLU B 67 13.32 -13.44 2.82
CA GLU B 67 14.39 -14.39 2.46
C GLU B 67 15.71 -13.98 3.14
N LYS B 68 15.82 -13.38 4.27
CA LYS B 68 16.99 -12.74 4.91
C LYS B 68 17.50 -13.56 6.09
N LYS B 69 18.64 -14.23 5.93
CA LYS B 69 19.23 -15.07 6.99
C LYS B 69 19.84 -14.20 8.10
N VAL B 70 19.53 -14.50 9.35
CA VAL B 70 20.02 -13.75 10.51
C VAL B 70 20.68 -14.75 11.45
N GLU B 71 21.95 -14.50 11.77
CA GLU B 71 22.69 -15.30 12.73
C GLU B 71 23.25 -14.36 13.78
N LEU B 72 23.02 -14.69 15.05
CA LEU B 72 23.43 -13.82 16.15
C LEU B 72 24.50 -14.52 16.99
N LYS B 73 25.65 -13.88 17.11
CA LYS B 73 26.61 -14.22 18.15
C LYS B 73 26.25 -13.41 19.39
N LYS B 74 26.51 -14.00 20.55
CA LYS B 74 26.30 -13.32 21.82
C LYS B 74 26.85 -11.90 21.79
N GLY B 75 25.98 -10.92 22.05
CA GLY B 75 26.38 -9.54 21.97
C GLY B 75 25.23 -8.64 21.55
N LYS B 76 25.57 -7.44 21.10
CA LYS B 76 24.58 -6.39 20.81
C LYS B 76 24.48 -6.13 19.32
N TYR B 77 23.27 -5.78 18.88
CA TYR B 77 22.95 -5.57 17.47
C TYR B 77 21.94 -4.45 17.32
N LEU B 78 21.96 -3.83 16.14
CA LEU B 78 20.91 -2.93 15.68
C LEU B 78 20.23 -3.57 14.48
N PHE B 79 18.93 -3.86 14.61
CA PHE B 79 18.11 -4.30 13.49
C PHE B 79 17.38 -3.09 12.92
N THR B 80 17.27 -3.03 11.60
CA THR B 80 16.57 -1.90 10.97
C THR B 80 15.66 -2.39 9.86
N PHE B 81 14.42 -1.91 9.89
CA PHE B 81 13.47 -2.08 8.79
C PHE B 81 13.20 -0.72 8.16
N LYS B 82 12.97 -0.69 6.85
CA LYS B 82 12.71 0.56 6.14
C LYS B 82 11.57 0.35 5.16
N MET B 83 10.58 1.25 5.17
CA MET B 83 9.44 1.06 4.28
C MET B 83 8.76 2.40 4.06
N PRO B 84 8.22 2.65 2.86
CA PRO B 84 7.40 3.83 2.67
C PRO B 84 6.06 3.60 3.33
N LEU B 85 5.56 4.63 4.03
CA LEU B 85 4.42 4.42 4.92
C LEU B 85 3.13 4.82 4.19
N ASN B 86 2.87 4.06 3.12
CA ASN B 86 1.79 4.33 2.17
C ASN B 86 0.44 3.87 2.74
N LEU B 87 0.07 4.49 3.86
CA LEU B 87 -1.14 4.14 4.57
C LEU B 87 -2.05 5.36 4.70
N ALA B 88 -3.32 5.09 4.97
CA ALA B 88 -4.26 6.16 5.21
C ALA B 88 -3.90 6.89 6.50
N PRO B 89 -4.25 8.17 6.61
CA PRO B 89 -4.15 8.85 7.90
C PRO B 89 -4.91 8.08 8.97
N GLY B 90 -4.31 7.97 10.15
CA GLY B 90 -4.96 7.24 11.23
C GLY B 90 -3.97 6.90 12.31
N LYS B 91 -4.47 6.16 13.30
CA LYS B 91 -3.68 5.73 14.45
C LYS B 91 -3.39 4.24 14.35
N TYR B 92 -2.12 3.87 14.46
CA TYR B 92 -1.67 2.51 14.24
C TYR B 92 -0.79 2.05 15.38
N THR B 93 -0.73 0.72 15.53
CA THR B 93 0.15 0.07 16.49
C THR B 93 1.16 -0.78 15.74
N LEU B 94 2.37 -0.85 16.30
CA LEU B 94 3.44 -1.70 15.81
C LEU B 94 3.72 -2.80 16.82
N THR B 95 3.73 -4.04 16.34
CA THR B 95 4.11 -5.21 17.11
C THR B 95 5.43 -5.74 16.54
N VAL B 96 6.32 -6.22 17.41
CA VAL B 96 7.63 -6.69 16.96
C VAL B 96 7.93 -8.05 17.58
N ALA B 97 8.78 -8.83 16.89
CA ALA B 97 9.09 -10.15 17.41
C ALA B 97 10.44 -10.66 16.91
N LEU B 98 11.11 -11.41 17.79
CA LEU B 98 12.25 -12.26 17.46
C LEU B 98 11.86 -13.69 17.75
N HIS B 99 11.96 -14.57 16.74
CA HIS B 99 11.53 -15.95 16.91
C HIS B 99 12.32 -16.84 15.95
N LYS B 100 11.93 -18.11 15.89
CA LYS B 100 12.50 -19.08 14.96
C LYS B 100 11.36 -19.65 14.13
N GLY B 101 11.58 -19.72 12.83
CA GLY B 101 10.51 -20.23 11.98
C GLY B 101 9.65 -19.12 11.42
N MET B 102 9.07 -19.40 10.25
CA MET B 102 8.26 -18.44 9.52
C MET B 102 7.07 -17.95 10.34
N ASP B 103 6.40 -18.86 11.05
CA ASP B 103 5.25 -18.50 11.88
C ASP B 103 5.51 -18.77 13.35
N HIS B 104 6.76 -18.58 13.79
CA HIS B 104 7.21 -18.70 15.19
C HIS B 104 6.70 -19.97 15.86
N ALA B 105 6.55 -21.06 15.10
CA ALA B 105 6.20 -22.33 15.70
C ALA B 105 7.40 -23.06 16.28
N GLN B 106 8.61 -22.67 15.89
CA GLN B 106 9.81 -23.41 16.31
C GLN B 106 10.33 -22.92 17.65
N GLU B 107 10.44 -21.61 17.85
CA GLU B 107 10.93 -21.06 19.11
C GLU B 107 10.58 -19.58 19.18
N CYS B 108 10.24 -19.10 20.37
CA CYS B 108 9.86 -17.72 20.59
C CYS B 108 10.89 -17.05 21.50
N TYR B 109 11.66 -16.12 20.95
CA TYR B 109 12.66 -15.40 21.74
C TYR B 109 12.04 -14.22 22.47
N HIS B 110 11.37 -13.31 21.74
CA HIS B 110 10.80 -12.13 22.38
C HIS B 110 9.70 -11.56 21.49
N TRP B 111 8.48 -11.55 22.00
CA TRP B 111 7.34 -10.93 21.32
C TRP B 111 6.88 -9.73 22.12
N ILE B 112 6.67 -8.59 21.45
CA ILE B 112 6.15 -7.40 22.10
C ILE B 112 4.96 -6.92 21.26
N ASP B 113 3.74 -7.12 21.79
CA ASP B 113 2.54 -6.59 21.18
C ASP B 113 2.44 -5.09 21.40
N ASN B 114 2.17 -4.35 20.33
CA ASN B 114 1.94 -2.91 20.39
C ASN B 114 3.05 -2.20 21.17
N VAL B 115 4.27 -2.40 20.69
CA VAL B 115 5.43 -1.79 21.33
C VAL B 115 5.47 -0.30 21.08
N CYS B 116 4.92 0.15 19.95
CA CYS B 116 4.85 1.57 19.62
C CYS B 116 3.46 1.89 19.11
N ASN B 117 2.96 3.05 19.51
CA ASN B 117 1.81 3.66 18.86
C ASN B 117 2.32 4.80 18.00
N PHE B 118 1.90 4.84 16.74
CA PHE B 118 2.26 5.93 15.86
C PHE B 118 1.02 6.35 15.10
N GLU B 119 1.14 7.43 14.34
CA GLU B 119 0.00 7.87 13.55
C GLU B 119 0.46 8.55 12.27
N VAL B 120 -0.35 8.37 11.24
CA VAL B 120 -0.18 9.01 9.94
C VAL B 120 -1.12 10.21 9.90
N ASN B 121 -0.57 11.37 9.54
CA ASN B 121 -1.33 12.61 9.52
C ASN B 121 -0.96 13.39 8.27
N GLY B 122 -1.96 13.72 7.46
CA GLY B 122 -1.69 14.45 6.25
C GLY B 122 -1.05 13.57 5.19
N PHE B 123 -0.71 14.22 4.08
CA PHE B 123 -0.24 13.52 2.90
C PHE B 123 1.08 14.12 2.45
N LYS B 124 2.08 13.26 2.23
CA LYS B 124 3.36 13.67 1.68
C LYS B 124 3.33 13.67 0.16
N LYS B 125 2.65 12.69 -0.43
CA LYS B 125 2.45 12.65 -1.86
C LYS B 125 1.04 13.13 -2.17
N GLU B 126 0.37 12.49 -3.12
CA GLU B 126 -1.00 12.89 -3.44
C GLU B 126 -1.95 12.52 -2.31
N GLN B 127 -3.02 13.30 -2.20
CA GLN B 127 -4.16 12.91 -1.37
C GLN B 127 -4.86 11.71 -2.00
N PHE B 128 -5.50 10.90 -1.16
CA PHE B 128 -6.15 9.69 -1.65
C PHE B 128 -7.16 9.22 -0.60
N VAL B 129 -8.08 8.36 -1.04
CA VAL B 129 -9.02 7.71 -0.15
C VAL B 129 -8.68 6.23 -0.08
N GLY B 130 -9.15 5.57 0.98
CA GLY B 130 -8.92 4.15 1.16
C GLY B 130 -7.85 3.87 2.20
N VAL B 131 -7.64 2.58 2.46
CA VAL B 131 -6.74 2.17 3.53
C VAL B 131 -5.28 2.38 3.16
N CYS B 132 -4.94 2.43 1.88
CA CYS B 132 -3.54 2.49 1.49
C CYS B 132 -3.40 3.30 0.23
N TYR B 133 -2.15 3.63 -0.08
CA TYR B 133 -1.79 4.45 -1.22
C TYR B 133 -0.98 3.64 -2.22
N LEU B 134 -1.40 3.65 -3.49
CA LEU B 134 -0.64 3.06 -4.57
C LEU B 134 -0.12 4.16 -5.47
N PRO B 135 1.19 4.24 -5.72
CA PRO B 135 1.72 5.29 -6.60
C PRO B 135 1.17 5.15 -8.01
N THR B 136 0.46 6.18 -8.47
CA THR B 136 -0.36 6.10 -9.68
C THR B 136 0.10 7.12 -10.71
N GLU B 137 0.06 6.73 -11.97
CA GLU B 137 0.38 7.60 -13.10
C GLU B 137 -0.80 7.61 -14.06
N PHE B 138 -0.91 8.69 -14.83
CA PHE B 138 -2.06 8.92 -15.70
C PHE B 138 -1.63 9.59 -16.99
N ASN B 139 -2.30 9.21 -18.08
CA ASN B 139 -2.20 9.93 -19.34
C ASN B 139 -3.51 9.77 -20.10
N TYR B 140 -3.74 10.66 -21.06
CA TYR B 140 -4.89 10.52 -21.93
C TYR B 140 -4.54 11.04 -23.31
N ARG B 141 -5.23 10.52 -24.31
CA ARG B 141 -4.89 10.83 -25.71
C ARG B 141 -6.14 10.82 -26.57
N LYS B 142 -6.26 11.81 -27.44
CA LYS B 142 -7.36 11.84 -28.39
C LYS B 142 -7.16 10.77 -29.47
N ILE B 143 -8.24 10.08 -29.81
CA ILE B 143 -8.20 8.96 -30.73
C ILE B 143 -9.20 9.20 -31.85
N PRO B 144 -8.75 9.25 -33.13
CA PRO B 144 -9.56 9.65 -34.29
C PRO B 144 -10.68 8.68 -34.62
#